data_5TWX
#
_entry.id   5TWX
#
_cell.length_a   75.260
_cell.length_b   75.260
_cell.length_c   344.330
_cell.angle_alpha   90.000
_cell.angle_beta   90.000
_cell.angle_gamma   120.000
#
_symmetry.space_group_name_H-M   'P 65 2 2'
#
loop_
_entity.id
_entity.type
_entity.pdbx_description
1 polymer 'Bromodomain-containing protein 9'
2 non-polymer N-[6-({2-[(3S)-2,6-dioxopiperidin-3-yl]-1,3-dioxo-2,3-dihydro-1H-isoindol-4-yl}oxy)hexyl]-2-(4-{2-[N-(1,1-dioxo-1lambda~6~-thian-4-yl)carbamimidoyl]-5-methyl-4-oxo-4,5-dihydrothieno[3,2-c]pyridin-7-yl}-2-methoxyphenoxy)acetamide
3 water water
#
_entity_poly.entity_id   1
_entity_poly.type   'polypeptide(L)'
_entity_poly.pdbx_seq_one_letter_code
;GPHMAENESTPIQQLLEHFLRQLQRKDPHGFFAFPVTDAIAPGYSMIIKHPMDFGTMKDKIVANEYKSVTEFKADFKLMC
DNAMTYNRPDTVYYKLAKKILHAGFKMMSKQAALLGNEDTA
;
_entity_poly.pdbx_strand_id   A,B,C,D
#
loop_
_chem_comp.id
_chem_comp.type
_chem_comp.name
_chem_comp.formula
7P7 non-polymer N-[6-({2-[(3S)-2,6-dioxopiperidin-3-yl]-1,3-dioxo-2,3-dihydro-1H-isoindol-4-yl}oxy)hexyl]-2-(4-{2-[N-(1,1-dioxo-1lambda~6~-thian-4-yl)carbamimidoyl]-5-methyl-4-oxo-4,5-dihydrothieno[3,2-c]pyridin-7-yl}-2-methoxyphenoxy)acetamide 'C42 H46 N6 O11 S2'
#
# COMPACT_ATOMS: atom_id res chain seq x y z
N GLU A 8 10.88 7.15 2.70
CA GLU A 8 11.43 8.39 2.17
C GLU A 8 10.35 9.45 2.02
N SER A 9 9.24 9.28 2.73
CA SER A 9 8.14 10.23 2.64
C SER A 9 8.48 11.50 3.43
N THR A 10 7.58 12.48 3.35
CA THR A 10 7.74 13.75 4.02
C THR A 10 6.63 13.93 5.05
N PRO A 11 6.87 14.66 6.15
CA PRO A 11 5.79 14.87 7.13
C PRO A 11 4.58 15.57 6.55
N ILE A 12 4.77 16.55 5.67
CA ILE A 12 3.62 17.22 5.07
C ILE A 12 2.95 16.29 4.07
N GLN A 13 3.70 15.40 3.43
CA GLN A 13 3.08 14.44 2.54
C GLN A 13 2.12 13.53 3.31
N GLN A 14 2.60 12.96 4.42
CA GLN A 14 1.77 12.01 5.15
C GLN A 14 0.51 12.67 5.71
N LEU A 15 0.59 13.94 6.06
CA LEU A 15 -0.57 14.61 6.64
C LEU A 15 -1.59 14.94 5.56
N LEU A 16 -1.13 15.36 4.38
CA LEU A 16 -2.04 15.69 3.30
C LEU A 16 -2.60 14.44 2.61
N GLU A 17 -1.86 13.32 2.62
CA GLU A 17 -2.47 12.08 2.15
C GLU A 17 -3.62 11.66 3.04
N HIS A 18 -3.48 11.90 4.35
CA HIS A 18 -4.56 11.60 5.28
C HIS A 18 -5.75 12.52 5.04
N PHE A 19 -5.49 13.81 4.85
CA PHE A 19 -6.58 14.76 4.61
C PHE A 19 -7.25 14.48 3.27
N LEU A 20 -6.46 14.20 2.23
CA LEU A 20 -7.04 13.95 0.91
C LEU A 20 -7.90 12.69 0.92
N ARG A 21 -7.48 11.66 1.66
CA ARG A 21 -8.29 10.46 1.81
C ARG A 21 -9.63 10.79 2.46
N GLN A 22 -9.59 11.55 3.56
CA GLN A 22 -10.81 11.91 4.29
C GLN A 22 -11.81 12.63 3.42
N LEU A 23 -11.33 13.55 2.57
CA LEU A 23 -12.25 14.34 1.75
C LEU A 23 -12.79 13.53 0.58
N GLN A 24 -11.95 12.71 -0.04
CA GLN A 24 -12.39 11.93 -1.19
C GLN A 24 -13.47 10.92 -0.82
N ARG A 25 -13.54 10.52 0.45
CA ARG A 25 -14.63 9.66 0.90
C ARG A 25 -15.98 10.35 0.83
N LYS A 26 -16.00 11.68 0.83
CA LYS A 26 -17.24 12.42 0.69
C LYS A 26 -17.62 12.63 -0.78
N ASP A 27 -16.94 11.95 -1.69
CA ASP A 27 -17.28 11.95 -3.10
C ASP A 27 -17.08 10.53 -3.61
N PRO A 28 -17.99 9.61 -3.25
CA PRO A 28 -17.80 8.21 -3.64
C PRO A 28 -17.91 7.97 -5.15
N HIS A 29 -18.51 8.90 -5.89
CA HIS A 29 -18.62 8.72 -7.34
C HIS A 29 -17.50 9.42 -8.10
N GLY A 30 -16.61 10.12 -7.41
CA GLY A 30 -15.47 10.73 -8.07
C GLY A 30 -15.80 11.89 -8.99
N PHE A 31 -16.78 12.73 -8.62
CA PHE A 31 -17.10 13.89 -9.45
C PHE A 31 -15.97 14.90 -9.48
N PHE A 32 -15.07 14.87 -8.50
CA PHE A 32 -13.90 15.73 -8.44
C PHE A 32 -12.60 14.94 -8.54
N ALA A 33 -12.67 13.69 -9.00
CA ALA A 33 -11.48 12.86 -9.08
C ALA A 33 -10.55 13.30 -10.20
N PHE A 34 -11.09 13.77 -11.32
CA PHE A 34 -10.32 14.13 -12.50
C PHE A 34 -10.57 15.57 -12.89
N PRO A 35 -9.70 16.17 -13.71
CA PRO A 35 -9.96 17.53 -14.18
C PRO A 35 -11.19 17.58 -15.07
N VAL A 36 -11.97 18.65 -14.90
CA VAL A 36 -13.18 18.82 -15.70
C VAL A 36 -12.78 19.24 -17.10
N THR A 37 -13.33 18.56 -18.11
CA THR A 37 -13.06 18.86 -19.51
C THR A 37 -14.29 19.50 -20.16
N ASP A 38 -14.05 20.26 -21.23
CA ASP A 38 -15.15 20.86 -21.96
C ASP A 38 -16.06 19.83 -22.62
N ALA A 39 -15.58 18.59 -22.80
CA ALA A 39 -16.40 17.56 -23.41
C ALA A 39 -17.63 17.25 -22.57
N ILE A 40 -17.48 17.22 -21.25
CA ILE A 40 -18.58 16.95 -20.33
C ILE A 40 -19.10 18.20 -19.64
N ALA A 41 -18.41 19.33 -19.81
CA ALA A 41 -18.85 20.61 -19.26
C ALA A 41 -18.56 21.68 -20.29
N PRO A 42 -19.50 21.97 -21.17
CA PRO A 42 -19.25 22.93 -22.25
C PRO A 42 -18.93 24.32 -21.70
N GLY A 43 -17.85 24.90 -22.21
CA GLY A 43 -17.45 26.24 -21.83
C GLY A 43 -16.58 26.35 -20.60
N TYR A 44 -16.34 25.22 -19.90
CA TYR A 44 -15.57 25.27 -18.66
C TYR A 44 -14.21 25.93 -18.85
N SER A 45 -13.51 25.58 -19.93
CA SER A 45 -12.22 26.19 -20.23
C SER A 45 -12.25 27.71 -20.20
N MET A 46 -13.39 28.30 -20.57
CA MET A 46 -13.48 29.75 -20.68
C MET A 46 -14.09 30.42 -19.45
N ILE A 47 -14.86 29.69 -18.65
CA ILE A 47 -15.50 30.28 -17.48
C ILE A 47 -14.64 30.12 -16.22
N ILE A 48 -13.85 29.05 -16.13
CA ILE A 48 -13.07 28.73 -14.94
C ILE A 48 -11.60 28.93 -15.29
N LYS A 49 -10.98 29.96 -14.72
CA LYS A 49 -9.63 30.32 -15.12
C LYS A 49 -8.57 29.43 -14.49
N HIS A 50 -8.82 28.88 -13.30
CA HIS A 50 -7.86 28.01 -12.62
C HIS A 50 -8.58 26.77 -12.13
N PRO A 51 -8.66 25.72 -12.95
CA PRO A 51 -9.32 24.49 -12.55
C PRO A 51 -8.51 23.75 -11.50
N MET A 52 -9.21 22.88 -10.75
CA MET A 52 -8.57 22.08 -9.72
C MET A 52 -9.44 20.88 -9.41
N ASP A 53 -8.81 19.76 -9.03
CA ASP A 53 -9.50 18.51 -8.78
C ASP A 53 -8.69 17.69 -7.80
N PHE A 54 -9.33 16.67 -7.24
CA PHE A 54 -8.66 15.80 -6.27
C PHE A 54 -7.44 15.13 -6.87
N GLY A 55 -7.52 14.74 -8.15
CA GLY A 55 -6.38 14.09 -8.78
C GLY A 55 -5.18 15.01 -8.92
N THR A 56 -5.43 16.28 -9.26
CA THR A 56 -4.34 17.25 -9.32
C THR A 56 -3.74 17.50 -7.94
N MET A 57 -4.57 17.58 -6.90
CA MET A 57 -4.03 17.81 -5.57
C MET A 57 -3.13 16.65 -5.13
N LYS A 58 -3.48 15.43 -5.53
CA LYS A 58 -2.64 14.28 -5.20
C LYS A 58 -1.27 14.38 -5.86
N ASP A 59 -1.23 14.85 -7.11
CA ASP A 59 0.06 14.98 -7.80
C ASP A 59 0.93 16.02 -7.13
N LYS A 60 0.33 17.11 -6.64
CA LYS A 60 1.11 18.12 -5.93
C LYS A 60 1.62 17.59 -4.61
N ILE A 61 0.86 16.72 -3.96
CA ILE A 61 1.33 16.04 -2.75
C ILE A 61 2.54 15.16 -3.08
N VAL A 62 2.38 14.33 -4.11
CA VAL A 62 3.44 13.39 -4.49
C VAL A 62 4.70 14.15 -4.91
N ALA A 63 4.53 15.31 -5.54
CA ALA A 63 5.65 16.11 -6.00
C ALA A 63 6.14 17.13 -4.97
N ASN A 64 5.69 17.04 -3.71
CA ASN A 64 5.98 18.06 -2.68
C ASN A 64 5.83 19.49 -3.21
N GLU A 65 4.65 19.80 -3.72
CA GLU A 65 4.44 21.17 -4.14
C GLU A 65 3.72 21.99 -3.08
N TYR A 66 3.10 21.33 -2.10
CA TYR A 66 2.49 22.01 -0.96
C TYR A 66 3.53 22.21 0.13
N LYS A 67 3.72 23.45 0.56
CA LYS A 67 4.61 23.77 1.66
C LYS A 67 3.87 23.96 2.98
N SER A 68 2.53 23.87 2.96
CA SER A 68 1.73 24.18 4.13
C SER A 68 0.39 23.49 4.01
N VAL A 69 -0.32 23.42 5.13
CA VAL A 69 -1.71 22.95 5.10
C VAL A 69 -2.58 23.99 4.44
N THR A 70 -2.23 25.28 4.58
CA THR A 70 -3.03 26.35 4.01
C THR A 70 -3.05 26.29 2.48
N GLU A 71 -1.89 26.05 1.85
CA GLU A 71 -1.86 25.88 0.40
C GLU A 71 -2.76 24.74 -0.03
N PHE A 72 -2.75 23.63 0.71
CA PHE A 72 -3.61 22.50 0.38
C PHE A 72 -5.08 22.87 0.52
N LYS A 73 -5.44 23.61 1.58
CA LYS A 73 -6.82 24.00 1.79
C LYS A 73 -7.29 24.98 0.72
N ALA A 74 -6.39 25.80 0.17
CA ALA A 74 -6.78 26.74 -0.87
C ALA A 74 -7.15 26.02 -2.16
N ASP A 75 -6.41 24.95 -2.50
CA ASP A 75 -6.76 24.17 -3.68
C ASP A 75 -8.08 23.43 -3.50
N PHE A 76 -8.38 22.99 -2.28
CA PHE A 76 -9.65 22.31 -2.05
C PHE A 76 -10.81 23.29 -2.14
N LYS A 77 -10.63 24.50 -1.61
CA LYS A 77 -11.68 25.51 -1.71
C LYS A 77 -11.88 25.99 -3.13
N LEU A 78 -10.79 26.16 -3.89
CA LEU A 78 -10.92 26.60 -5.26
C LEU A 78 -11.65 25.58 -6.11
N MET A 79 -11.36 24.30 -5.89
CA MET A 79 -12.09 23.24 -6.59
C MET A 79 -13.57 23.29 -6.24
N CYS A 80 -13.90 23.52 -4.97
CA CYS A 80 -15.31 23.62 -4.57
C CYS A 80 -15.92 24.91 -5.08
N ASP A 81 -15.15 26.01 -5.07
CA ASP A 81 -15.66 27.28 -5.56
C ASP A 81 -15.90 27.24 -7.07
N ASN A 82 -15.00 26.59 -7.82
CA ASN A 82 -15.20 26.43 -9.25
C ASN A 82 -16.51 25.72 -9.55
N ALA A 83 -16.82 24.66 -8.80
CA ALA A 83 -18.00 23.85 -9.07
C ALA A 83 -19.28 24.60 -8.74
N MET A 84 -19.20 25.59 -7.85
CA MET A 84 -20.35 26.42 -7.51
C MET A 84 -20.44 27.68 -8.35
N THR A 85 -19.39 28.00 -9.10
CA THR A 85 -19.44 29.07 -10.08
C THR A 85 -20.04 28.59 -11.40
N TYR A 86 -19.50 27.48 -11.93
CA TYR A 86 -19.88 27.03 -13.26
C TYR A 86 -21.26 26.37 -13.28
N ASN A 87 -21.67 25.75 -12.17
CA ASN A 87 -22.93 25.03 -12.09
C ASN A 87 -24.02 25.85 -11.42
N ARG A 88 -25.27 25.49 -11.75
CA ARG A 88 -26.46 26.10 -11.15
C ARG A 88 -26.72 25.50 -9.77
N PRO A 89 -27.35 26.26 -8.87
CA PRO A 89 -27.58 25.76 -7.50
C PRO A 89 -28.39 24.46 -7.42
N ASP A 90 -29.17 24.11 -8.44
CA ASP A 90 -30.02 22.93 -8.39
C ASP A 90 -29.35 21.71 -9.02
N THR A 91 -28.02 21.63 -8.96
CA THR A 91 -27.27 20.54 -9.57
C THR A 91 -26.58 19.72 -8.48
N VAL A 92 -26.42 18.42 -8.77
CA VAL A 92 -25.63 17.56 -7.90
C VAL A 92 -24.23 18.14 -7.67
N TYR A 93 -23.66 18.76 -8.70
CA TYR A 93 -22.30 19.29 -8.56
C TYR A 93 -22.26 20.48 -7.61
N TYR A 94 -23.29 21.33 -7.63
CA TYR A 94 -23.33 22.45 -6.70
C TYR A 94 -23.59 21.96 -5.28
N LYS A 95 -24.60 21.11 -5.11
CA LYS A 95 -24.95 20.62 -3.79
C LYS A 95 -23.80 19.83 -3.17
N LEU A 96 -23.19 18.95 -3.94
CA LEU A 96 -22.07 18.16 -3.42
C LEU A 96 -20.89 19.06 -3.08
N ALA A 97 -20.56 20.01 -3.96
CA ALA A 97 -19.44 20.90 -3.70
C ALA A 97 -19.69 21.81 -2.50
N LYS A 98 -20.96 22.19 -2.27
CA LYS A 98 -21.27 23.03 -1.13
C LYS A 98 -21.13 22.24 0.18
N LYS A 99 -21.56 20.98 0.19
CA LYS A 99 -21.53 20.20 1.40
C LYS A 99 -20.11 19.78 1.79
N ILE A 100 -19.33 19.30 0.81
CA ILE A 100 -17.99 18.80 1.12
C ILE A 100 -17.02 19.94 1.40
N LEU A 101 -17.24 21.11 0.81
CA LEU A 101 -16.42 22.27 1.15
C LEU A 101 -16.53 22.59 2.63
N HIS A 102 -17.76 22.73 3.11
CA HIS A 102 -17.96 23.03 4.52
C HIS A 102 -17.55 21.85 5.40
N ALA A 103 -18.26 20.72 5.29
CA ALA A 103 -17.93 19.53 6.08
C ALA A 103 -16.44 19.21 6.05
N GLY A 104 -15.78 19.50 4.91
CA GLY A 104 -14.37 19.19 4.80
C GLY A 104 -13.45 20.19 5.48
N PHE A 105 -13.90 21.44 5.66
CA PHE A 105 -13.08 22.39 6.40
C PHE A 105 -13.15 22.12 7.90
N LYS A 106 -14.38 21.99 8.44
CA LYS A 106 -14.53 21.67 9.85
C LYS A 106 -13.76 20.41 10.22
N MET A 107 -13.84 19.39 9.37
CA MET A 107 -13.20 18.12 9.67
C MET A 107 -11.70 18.31 9.85
N MET A 108 -11.07 19.10 8.97
CA MET A 108 -9.65 19.37 9.09
C MET A 108 -9.34 20.38 10.19
N SER A 109 -10.33 21.19 10.59
CA SER A 109 -10.09 22.14 11.66
C SER A 109 -10.22 21.51 13.05
N LYS A 110 -11.20 20.63 13.22
CA LYS A 110 -11.38 19.99 14.52
C LYS A 110 -10.25 19.03 14.84
N GLN A 111 -9.56 18.50 13.83
CA GLN A 111 -8.42 17.64 14.13
C GLN A 111 -7.21 18.44 14.57
N ALA A 112 -7.00 19.62 14.00
CA ALA A 112 -5.91 20.47 14.48
C ALA A 112 -6.25 21.13 15.81
N ALA A 113 -7.54 21.39 16.06
CA ALA A 113 -7.95 22.09 17.27
C ALA A 113 -7.81 21.25 18.54
N LEU A 114 -8.00 19.93 18.45
CA LEU A 114 -7.88 19.11 19.65
C LEU A 114 -6.47 19.03 20.21
N LEU A 115 -5.48 19.51 19.47
CA LEU A 115 -4.12 19.51 20.00
C LEU A 115 -3.86 20.71 20.92
N GLY A 116 -4.70 21.73 20.85
CA GLY A 116 -4.53 22.91 21.69
C GLY A 116 -5.48 22.96 22.86
N ASN A 117 -6.42 22.01 22.92
CA ASN A 117 -7.43 21.98 23.98
C ASN A 117 -6.94 21.13 25.14
N GLU A 118 -7.19 21.61 26.36
CA GLU A 118 -6.59 21.00 27.55
C GLU A 118 -7.07 19.57 27.77
N ASP A 119 -8.26 19.22 27.28
CA ASP A 119 -8.80 17.88 27.53
C ASP A 119 -8.28 16.85 26.55
N THR A 120 -8.02 17.24 25.30
CA THR A 120 -7.66 16.31 24.25
C THR A 120 -6.19 16.38 23.83
N ALA A 121 -5.44 17.35 24.32
CA ALA A 121 -4.04 17.55 23.92
C ALA A 121 -3.20 16.29 24.07
N GLU B 8 -18.91 7.08 11.25
CA GLU B 8 -18.88 8.51 11.55
C GLU B 8 -18.12 8.76 12.85
N SER B 9 -16.79 8.65 12.78
CA SER B 9 -15.95 8.81 13.95
C SER B 9 -15.84 10.27 14.36
N THR B 10 -15.04 10.52 15.39
CA THR B 10 -14.84 11.80 16.04
C THR B 10 -13.45 12.35 15.70
N PRO B 11 -13.24 13.66 15.82
CA PRO B 11 -11.94 14.22 15.42
C PRO B 11 -10.73 13.58 16.08
N ILE B 12 -10.79 13.24 17.37
CA ILE B 12 -9.61 12.62 17.97
C ILE B 12 -9.48 11.18 17.48
N GLN B 13 -10.60 10.52 17.16
CA GLN B 13 -10.51 9.18 16.58
C GLN B 13 -9.83 9.25 15.22
N GLN B 14 -10.22 10.23 14.39
CA GLN B 14 -9.61 10.34 13.07
C GLN B 14 -8.13 10.74 13.17
N LEU B 15 -7.76 11.52 14.19
CA LEU B 15 -6.37 11.94 14.28
C LEU B 15 -5.51 10.82 14.85
N LEU B 16 -6.04 10.08 15.83
CA LEU B 16 -5.23 9.02 16.42
C LEU B 16 -5.13 7.79 15.52
N GLU B 17 -6.14 7.47 14.71
CA GLU B 17 -5.91 6.45 13.69
C GLU B 17 -4.89 6.94 12.66
N HIS B 18 -4.92 8.25 12.35
CA HIS B 18 -3.90 8.74 11.43
C HIS B 18 -2.52 8.50 12.01
N PHE B 19 -2.37 8.78 13.31
CA PHE B 19 -1.08 8.58 13.95
C PHE B 19 -0.71 7.11 14.02
N LEU B 20 -1.69 6.25 14.37
CA LEU B 20 -1.40 4.84 14.56
C LEU B 20 -0.98 4.18 13.25
N ARG B 21 -1.64 4.53 12.14
CA ARG B 21 -1.24 4.02 10.85
C ARG B 21 0.19 4.42 10.52
N GLN B 22 0.59 5.63 10.91
CA GLN B 22 1.97 6.05 10.72
C GLN B 22 2.92 5.23 11.58
N LEU B 23 2.51 4.88 12.80
CA LEU B 23 3.42 4.13 13.67
C LEU B 23 3.53 2.67 13.24
N GLN B 24 2.42 2.03 12.86
CA GLN B 24 2.50 0.64 12.44
C GLN B 24 3.31 0.46 11.17
N ARG B 25 3.43 1.52 10.36
CA ARG B 25 4.20 1.44 9.13
C ARG B 25 5.69 1.25 9.41
N LYS B 26 6.14 1.50 10.64
CA LYS B 26 7.52 1.28 11.05
C LYS B 26 7.71 -0.09 11.69
N ASP B 27 6.73 -0.99 11.56
CA ASP B 27 6.86 -2.37 12.05
C ASP B 27 6.25 -3.28 10.98
N PRO B 28 6.96 -3.47 9.87
CA PRO B 28 6.40 -4.25 8.76
C PRO B 28 6.17 -5.72 9.07
N HIS B 29 6.80 -6.27 10.11
CA HIS B 29 6.56 -7.68 10.45
C HIS B 29 5.46 -7.84 11.49
N GLY B 30 4.93 -6.75 12.02
CA GLY B 30 3.84 -6.85 12.98
C GLY B 30 4.25 -7.45 14.30
N PHE B 31 5.47 -7.17 14.77
CA PHE B 31 5.87 -7.65 16.09
C PHE B 31 5.07 -7.01 17.20
N PHE B 32 4.47 -5.84 16.94
CA PHE B 32 3.65 -5.15 17.92
C PHE B 32 2.19 -5.07 17.48
N ALA B 33 1.80 -5.91 16.51
CA ALA B 33 0.43 -5.88 16.02
C ALA B 33 -0.56 -6.43 17.05
N PHE B 34 -0.12 -7.33 17.90
CA PHE B 34 -1.00 -8.08 18.78
C PHE B 34 -0.35 -8.26 20.13
N PRO B 35 -1.12 -8.56 21.19
CA PRO B 35 -0.52 -8.79 22.50
C PRO B 35 0.51 -9.91 22.46
N VAL B 36 1.59 -9.72 23.22
CA VAL B 36 2.66 -10.71 23.27
C VAL B 36 2.20 -11.91 24.09
N THR B 37 2.51 -13.10 23.59
CA THR B 37 2.06 -14.31 24.26
C THR B 37 3.18 -14.97 25.03
N ASP B 38 2.81 -15.71 26.09
CA ASP B 38 3.78 -16.52 26.79
C ASP B 38 4.30 -17.66 25.93
N ALA B 39 3.55 -18.04 24.90
CA ALA B 39 3.97 -19.13 24.01
C ALA B 39 5.23 -18.76 23.22
N ILE B 40 5.36 -17.52 22.78
CA ILE B 40 6.57 -17.08 22.10
C ILE B 40 7.50 -16.30 23.02
N ALA B 41 6.99 -15.73 24.11
CA ALA B 41 7.81 -15.02 25.09
C ALA B 41 7.59 -15.64 26.46
N PRO B 42 8.39 -16.63 26.84
CA PRO B 42 8.18 -17.29 28.13
C PRO B 42 8.37 -16.30 29.27
N GLY B 43 7.41 -16.29 30.19
CA GLY B 43 7.49 -15.42 31.34
C GLY B 43 6.91 -14.03 31.14
N TYR B 44 6.49 -13.69 29.92
CA TYR B 44 6.01 -12.34 29.63
C TYR B 44 4.89 -11.92 30.59
N SER B 45 3.92 -12.81 30.80
CA SER B 45 2.83 -12.53 31.73
C SER B 45 3.33 -12.08 33.09
N MET B 46 4.50 -12.57 33.51
CA MET B 46 5.01 -12.30 34.85
C MET B 46 5.98 -11.12 34.91
N ILE B 47 6.62 -10.77 33.81
CA ILE B 47 7.57 -9.66 33.82
C ILE B 47 6.92 -8.32 33.47
N ILE B 48 5.89 -8.33 32.63
CA ILE B 48 5.29 -7.10 32.11
C ILE B 48 3.90 -6.99 32.72
N LYS B 49 3.74 -6.01 33.62
CA LYS B 49 2.49 -5.88 34.37
C LYS B 49 1.38 -5.23 33.56
N HIS B 50 1.73 -4.40 32.58
CA HIS B 50 0.75 -3.69 31.76
C HIS B 50 1.13 -3.86 30.31
N PRO B 51 0.68 -4.93 29.66
CA PRO B 51 1.02 -5.13 28.25
C PRO B 51 0.29 -4.13 27.37
N MET B 52 0.84 -3.90 26.18
CA MET B 52 0.21 -2.98 25.26
C MET B 52 0.74 -3.28 23.87
N ASP B 53 -0.11 -3.08 22.86
CA ASP B 53 0.23 -3.41 21.49
C ASP B 53 -0.57 -2.53 20.55
N PHE B 54 -0.16 -2.52 19.27
CA PHE B 54 -0.82 -1.69 18.28
C PHE B 54 -2.29 -2.08 18.12
N GLY B 55 -2.58 -3.39 18.16
CA GLY B 55 -3.96 -3.84 18.03
C GLY B 55 -4.80 -3.39 19.21
N THR B 56 -4.24 -3.44 20.42
CA THR B 56 -4.96 -2.96 21.59
C THR B 56 -5.23 -1.46 21.47
N MET B 57 -4.26 -0.69 20.98
CA MET B 57 -4.47 0.73 20.81
C MET B 57 -5.56 1.00 19.76
N LYS B 58 -5.61 0.17 18.72
CA LYS B 58 -6.64 0.32 17.70
C LYS B 58 -8.03 0.09 18.28
N ASP B 59 -8.18 -0.93 19.13
CA ASP B 59 -9.48 -1.19 19.74
C ASP B 59 -9.89 -0.07 20.69
N LYS B 60 -8.92 0.53 21.40
CA LYS B 60 -9.25 1.64 22.28
C LYS B 60 -9.64 2.88 21.47
N ILE B 61 -9.05 3.06 20.29
CA ILE B 61 -9.46 4.12 19.39
C ILE B 61 -10.89 3.89 18.93
N VAL B 62 -11.18 2.68 18.45
CA VAL B 62 -12.49 2.34 17.93
C VAL B 62 -13.56 2.48 19.02
N ALA B 63 -13.20 2.18 20.27
CA ALA B 63 -14.12 2.29 21.39
C ALA B 63 -14.15 3.68 22.00
N ASN B 64 -13.56 4.68 21.31
CA ASN B 64 -13.43 6.03 21.84
C ASN B 64 -13.00 6.02 23.31
N GLU B 65 -11.89 5.33 23.58
CA GLU B 65 -11.37 5.21 24.92
C GLU B 65 -10.23 6.17 25.23
N TYR B 66 -9.58 6.73 24.22
CA TYR B 66 -8.58 7.75 24.44
C TYR B 66 -9.29 9.10 24.53
N LYS B 67 -9.08 9.80 25.64
CA LYS B 67 -9.68 11.11 25.84
C LYS B 67 -8.72 12.24 25.51
N SER B 68 -7.48 11.90 25.15
CA SER B 68 -6.45 12.88 24.88
C SER B 68 -5.41 12.23 23.99
N VAL B 69 -4.61 13.08 23.36
CA VAL B 69 -3.45 12.57 22.62
C VAL B 69 -2.40 12.08 23.60
N THR B 70 -2.37 12.68 24.80
CA THR B 70 -1.38 12.29 25.81
C THR B 70 -1.55 10.83 26.22
N GLU B 71 -2.80 10.40 26.46
CA GLU B 71 -3.05 9.00 26.77
C GLU B 71 -2.57 8.09 25.64
N PHE B 72 -2.84 8.49 24.39
CA PHE B 72 -2.40 7.68 23.26
C PHE B 72 -0.88 7.59 23.20
N LYS B 73 -0.19 8.70 23.47
CA LYS B 73 1.26 8.69 23.45
C LYS B 73 1.84 7.86 24.58
N ALA B 74 1.15 7.78 25.72
CA ALA B 74 1.64 6.98 26.83
C ALA B 74 1.54 5.49 26.53
N ASP B 75 0.46 5.06 25.88
CA ASP B 75 0.33 3.65 25.52
C ASP B 75 1.38 3.26 24.49
N PHE B 76 1.73 4.17 23.59
CA PHE B 76 2.76 3.86 22.59
C PHE B 76 4.13 3.76 23.25
N LYS B 77 4.43 4.65 24.19
CA LYS B 77 5.69 4.56 24.93
C LYS B 77 5.69 3.34 25.84
N LEU B 78 4.54 3.00 26.41
CA LEU B 78 4.45 1.82 27.26
C LEU B 78 4.74 0.54 26.48
N MET B 79 4.17 0.44 25.28
CA MET B 79 4.45 -0.73 24.45
C MET B 79 5.93 -0.81 24.09
N CYS B 80 6.55 0.33 23.77
CA CYS B 80 7.97 0.32 23.43
C CYS B 80 8.83 0.07 24.67
N ASP B 81 8.43 0.62 25.82
CA ASP B 81 9.18 0.40 27.05
C ASP B 81 9.09 -1.04 27.52
N ASN B 82 7.90 -1.66 27.40
CA ASN B 82 7.77 -3.07 27.76
C ASN B 82 8.76 -3.92 26.99
N ALA B 83 8.90 -3.65 25.68
CA ALA B 83 9.78 -4.47 24.85
C ALA B 83 11.25 -4.25 25.17
N MET B 84 11.61 -3.10 25.74
CA MET B 84 13.00 -2.88 26.10
C MET B 84 13.29 -3.30 27.54
N THR B 85 12.25 -3.59 28.32
CA THR B 85 12.43 -4.21 29.63
C THR B 85 12.56 -5.72 29.50
N TYR B 86 11.64 -6.36 28.78
CA TYR B 86 11.60 -7.83 28.76
C TYR B 86 12.72 -8.42 27.92
N ASN B 87 13.17 -7.71 26.90
CA ASN B 87 14.20 -8.22 26.00
C ASN B 87 15.56 -7.65 26.35
N ARG B 88 16.60 -8.38 25.95
CA ARG B 88 17.98 -7.94 26.12
C ARG B 88 18.32 -6.89 25.07
N PRO B 89 19.29 -6.01 25.34
CA PRO B 89 19.60 -4.95 24.37
C PRO B 89 19.95 -5.45 22.97
N ASP B 90 20.43 -6.69 22.81
CA ASP B 90 20.81 -7.20 21.49
C ASP B 90 19.69 -8.01 20.83
N THR B 91 18.43 -7.66 21.05
CA THR B 91 17.33 -8.38 20.44
C THR B 91 16.67 -7.49 19.38
N VAL B 92 16.15 -8.16 18.35
CA VAL B 92 15.35 -7.46 17.33
C VAL B 92 14.22 -6.67 17.99
N TYR B 93 13.59 -7.24 19.03
CA TYR B 93 12.46 -6.57 19.66
C TYR B 93 12.92 -5.32 20.41
N TYR B 94 14.11 -5.37 21.02
CA TYR B 94 14.65 -4.20 21.70
C TYR B 94 15.07 -3.13 20.70
N LYS B 95 15.83 -3.53 19.67
CA LYS B 95 16.28 -2.56 18.68
C LYS B 95 15.10 -1.93 17.95
N LEU B 96 14.13 -2.75 17.55
CA LEU B 96 12.97 -2.22 16.83
C LEU B 96 12.17 -1.27 17.71
N ALA B 97 11.95 -1.64 18.98
CA ALA B 97 11.16 -0.78 19.85
C ALA B 97 11.84 0.55 20.11
N LYS B 98 13.17 0.58 20.16
CA LYS B 98 13.87 1.84 20.35
C LYS B 98 13.79 2.70 19.10
N LYS B 99 14.03 2.09 17.94
CA LYS B 99 13.83 2.78 16.67
C LYS B 99 12.40 3.30 16.55
N ILE B 100 11.41 2.45 16.85
CA ILE B 100 10.02 2.84 16.67
C ILE B 100 9.62 3.92 17.67
N LEU B 101 10.19 3.87 18.87
CA LEU B 101 9.90 4.90 19.88
C LEU B 101 10.38 6.26 19.42
N HIS B 102 11.64 6.36 19.00
CA HIS B 102 12.19 7.66 18.63
C HIS B 102 11.53 8.19 17.35
N ALA B 103 11.30 7.32 16.37
CA ALA B 103 10.77 7.79 15.08
C ALA B 103 9.31 8.20 15.20
N GLY B 104 8.54 7.52 16.05
CA GLY B 104 7.13 7.84 16.15
C GLY B 104 6.83 9.05 17.00
N PHE B 105 7.70 9.38 17.95
CA PHE B 105 7.50 10.59 18.73
C PHE B 105 7.88 11.82 17.92
N LYS B 106 8.97 11.73 17.16
CA LYS B 106 9.29 12.78 16.21
C LYS B 106 8.15 12.98 15.21
N MET B 107 7.57 11.88 14.72
CA MET B 107 6.49 11.96 13.75
C MET B 107 5.28 12.69 14.34
N MET B 108 4.87 12.33 15.55
CA MET B 108 3.68 12.99 16.10
C MET B 108 3.95 14.43 16.51
N SER B 109 5.20 14.81 16.70
CA SER B 109 5.48 16.22 16.95
C SER B 109 5.50 16.99 15.64
N LYS B 110 6.04 16.38 14.57
CA LYS B 110 6.06 17.03 13.27
C LYS B 110 4.66 17.14 12.67
N GLN B 111 3.76 16.22 13.04
CA GLN B 111 2.40 16.28 12.53
C GLN B 111 1.57 17.33 13.24
N ALA B 112 1.79 17.50 14.54
CA ALA B 112 1.07 18.53 15.27
C ALA B 112 1.60 19.92 14.92
N ALA B 113 2.88 20.01 14.51
CA ALA B 113 3.43 21.30 14.12
C ALA B 113 2.84 21.77 12.81
N LEU B 114 2.55 20.84 11.88
CA LEU B 114 1.89 21.21 10.64
C LEU B 114 0.44 21.60 10.89
N LEU B 115 -0.19 20.96 11.88
CA LEU B 115 -1.59 21.28 12.20
C LEU B 115 -1.69 22.56 13.02
N GLY B 116 -0.68 22.85 13.85
CA GLY B 116 -0.69 24.07 14.64
C GLY B 116 -0.39 25.33 13.86
N ASN B 117 0.12 25.19 12.63
CA ASN B 117 0.43 26.33 11.76
C ASN B 117 -0.88 26.94 11.27
N GLU B 118 -1.50 27.75 12.12
CA GLU B 118 -2.76 28.39 11.78
C GLU B 118 -2.66 29.91 11.90
N GLU C 8 -8.22 -23.04 -7.69
CA GLU C 8 -6.79 -22.93 -7.94
C GLU C 8 -6.51 -22.36 -9.32
N SER C 9 -5.78 -21.24 -9.35
CA SER C 9 -5.42 -20.56 -10.58
C SER C 9 -4.31 -21.32 -11.31
N THR C 10 -3.90 -20.78 -12.44
CA THR C 10 -2.88 -21.34 -13.31
C THR C 10 -1.63 -20.48 -13.29
N PRO C 11 -0.46 -21.06 -13.61
CA PRO C 11 0.78 -20.26 -13.59
C PRO C 11 0.72 -19.02 -14.47
N ILE C 12 0.06 -19.08 -15.62
CA ILE C 12 -0.03 -17.90 -16.47
C ILE C 12 -0.93 -16.84 -15.87
N GLN C 13 -1.97 -17.25 -15.13
CA GLN C 13 -2.80 -16.28 -14.43
C GLN C 13 -2.02 -15.57 -13.34
N GLN C 14 -1.26 -16.33 -12.54
CA GLN C 14 -0.52 -15.73 -11.45
C GLN C 14 0.60 -14.83 -11.94
N LEU C 15 1.16 -15.14 -13.12
CA LEU C 15 2.29 -14.36 -13.62
C LEU C 15 1.87 -13.03 -14.25
N LEU C 16 0.80 -13.02 -15.04
CA LEU C 16 0.39 -11.75 -15.64
C LEU C 16 -0.38 -10.88 -14.66
N GLU C 17 -1.05 -11.50 -13.68
CA GLU C 17 -1.67 -10.73 -12.62
C GLU C 17 -0.63 -9.97 -11.82
N HIS C 18 0.57 -10.56 -11.68
CA HIS C 18 1.69 -9.86 -11.05
C HIS C 18 2.15 -8.70 -11.91
N PHE C 19 2.32 -8.92 -13.22
CA PHE C 19 2.78 -7.86 -14.10
C PHE C 19 1.73 -6.77 -14.27
N LEU C 20 0.45 -7.14 -14.35
CA LEU C 20 -0.60 -6.13 -14.52
C LEU C 20 -0.61 -5.16 -13.35
N ARG C 21 -0.49 -5.68 -12.13
CA ARG C 21 -0.43 -4.80 -10.96
C ARG C 21 0.81 -3.92 -11.00
N GLN C 22 1.91 -4.43 -11.57
CA GLN C 22 3.10 -3.61 -11.73
C GLN C 22 2.84 -2.45 -12.68
N LEU C 23 2.10 -2.70 -13.77
CA LEU C 23 1.84 -1.64 -14.74
C LEU C 23 0.77 -0.67 -14.26
N GLN C 24 -0.29 -1.20 -13.64
CA GLN C 24 -1.39 -0.34 -13.20
C GLN C 24 -0.97 0.64 -12.13
N ARG C 25 0.09 0.35 -11.37
CA ARG C 25 0.61 1.31 -10.41
C ARG C 25 1.43 2.41 -11.07
N LYS C 26 1.64 2.34 -12.38
CA LYS C 26 2.20 3.45 -13.15
C LYS C 26 1.13 4.35 -13.72
N ASP C 27 -0.12 4.19 -13.28
CA ASP C 27 -1.23 5.06 -13.68
C ASP C 27 -2.05 5.29 -12.42
N PRO C 28 -1.55 6.16 -11.52
CA PRO C 28 -2.25 6.33 -10.23
C PRO C 28 -3.64 6.93 -10.33
N HIS C 29 -3.98 7.57 -11.44
CA HIS C 29 -5.31 8.16 -11.57
C HIS C 29 -6.30 7.26 -12.29
N GLY C 30 -5.85 6.11 -12.78
CA GLY C 30 -6.77 5.20 -13.44
C GLY C 30 -7.28 5.69 -14.78
N PHE C 31 -6.44 6.39 -15.55
CA PHE C 31 -6.84 6.82 -16.88
C PHE C 31 -7.06 5.63 -17.82
N PHE C 32 -6.46 4.48 -17.50
CA PHE C 32 -6.61 3.27 -18.31
C PHE C 32 -7.33 2.17 -17.56
N ALA C 33 -8.03 2.50 -16.48
CA ALA C 33 -8.73 1.48 -15.69
C ALA C 33 -9.94 0.93 -16.43
N PHE C 34 -10.54 1.72 -17.31
CA PHE C 34 -11.84 1.45 -17.89
C PHE C 34 -11.80 1.87 -19.38
N PRO C 35 -12.61 1.23 -20.22
CA PRO C 35 -12.63 1.65 -21.64
C PRO C 35 -13.02 3.12 -21.78
N VAL C 36 -12.37 3.79 -22.74
CA VAL C 36 -12.65 5.19 -23.01
C VAL C 36 -13.97 5.31 -23.75
N THR C 37 -14.82 6.22 -23.29
CA THR C 37 -16.13 6.46 -23.88
C THR C 37 -16.12 7.77 -24.64
N ASP C 38 -16.97 7.88 -25.67
CA ASP C 38 -17.04 9.11 -26.46
C ASP C 38 -17.56 10.30 -25.66
N ALA C 39 -18.26 10.07 -24.55
CA ALA C 39 -18.70 11.20 -23.73
C ALA C 39 -17.51 11.96 -23.17
N ILE C 40 -16.45 11.24 -22.83
CA ILE C 40 -15.23 11.86 -22.33
C ILE C 40 -14.18 12.07 -23.41
N ALA C 41 -14.26 11.33 -24.52
CA ALA C 41 -13.32 11.48 -25.63
C ALA C 41 -14.12 11.44 -26.93
N PRO C 42 -14.55 12.59 -27.43
CA PRO C 42 -15.40 12.61 -28.63
C PRO C 42 -14.69 12.00 -29.83
N GLY C 43 -15.39 11.10 -30.53
CA GLY C 43 -14.87 10.48 -31.72
C GLY C 43 -14.05 9.22 -31.48
N TYR C 44 -13.82 8.85 -30.22
CA TYR C 44 -12.94 7.71 -29.92
C TYR C 44 -13.40 6.45 -30.63
N SER C 45 -14.70 6.15 -30.57
CA SER C 45 -15.25 4.98 -31.26
C SER C 45 -14.86 4.94 -32.73
N MET C 46 -14.70 6.10 -33.36
CA MET C 46 -14.48 6.17 -34.81
C MET C 46 -13.02 6.24 -35.19
N ILE C 47 -12.14 6.71 -34.29
CA ILE C 47 -10.73 6.80 -34.61
C ILE C 47 -9.96 5.55 -34.21
N ILE C 48 -10.40 4.86 -33.15
CA ILE C 48 -9.69 3.73 -32.59
C ILE C 48 -10.53 2.48 -32.85
N LYS C 49 -10.05 1.61 -33.74
CA LYS C 49 -10.82 0.44 -34.15
C LYS C 49 -10.76 -0.68 -33.12
N HIS C 50 -9.69 -0.76 -32.34
CA HIS C 50 -9.51 -1.83 -31.35
C HIS C 50 -9.16 -1.22 -30.02
N PRO C 51 -10.15 -0.86 -29.21
CA PRO C 51 -9.85 -0.30 -27.89
C PRO C 51 -9.36 -1.38 -26.93
N MET C 52 -8.65 -0.94 -25.90
CA MET C 52 -8.15 -1.84 -24.88
C MET C 52 -7.86 -1.04 -23.62
N ASP C 53 -8.02 -1.69 -22.46
CA ASP C 53 -7.88 -1.02 -21.18
C ASP C 53 -7.43 -2.02 -20.12
N PHE C 54 -6.95 -1.48 -19.00
CA PHE C 54 -6.46 -2.36 -17.93
C PHE C 54 -7.57 -3.26 -17.40
N GLY C 55 -8.79 -2.73 -17.30
CA GLY C 55 -9.89 -3.56 -16.83
C GLY C 55 -10.19 -4.70 -17.78
N THR C 56 -10.11 -4.43 -19.09
CA THR C 56 -10.29 -5.50 -20.06
C THR C 56 -9.17 -6.53 -19.94
N MET C 57 -7.92 -6.07 -19.74
CA MET C 57 -6.82 -7.01 -19.58
C MET C 57 -6.98 -7.84 -18.30
N LYS C 58 -7.45 -7.22 -17.23
CA LYS C 58 -7.68 -7.94 -15.98
C LYS C 58 -8.77 -9.00 -16.16
N ASP C 59 -9.81 -8.66 -16.91
CA ASP C 59 -10.90 -9.62 -17.12
C ASP C 59 -10.42 -10.83 -17.90
N LYS C 60 -9.53 -10.63 -18.87
CA LYS C 60 -8.98 -11.76 -19.61
C LYS C 60 -8.03 -12.59 -18.75
N ILE C 61 -7.29 -11.95 -17.85
CA ILE C 61 -6.45 -12.70 -16.90
C ILE C 61 -7.33 -13.56 -16.00
N VAL C 62 -8.36 -12.95 -15.40
CA VAL C 62 -9.25 -13.68 -14.50
C VAL C 62 -9.94 -14.80 -15.23
N ALA C 63 -10.29 -14.60 -16.50
CA ALA C 63 -10.98 -15.61 -17.29
C ALA C 63 -10.04 -16.57 -18.00
N ASN C 64 -8.74 -16.54 -17.66
CA ASN C 64 -7.71 -17.34 -18.33
C ASN C 64 -7.88 -17.34 -19.85
N GLU C 65 -7.89 -16.12 -20.41
CA GLU C 65 -8.02 -15.95 -21.84
C GLU C 65 -6.69 -15.69 -22.53
N TYR C 66 -5.65 -15.31 -21.78
CA TYR C 66 -4.31 -15.19 -22.35
C TYR C 66 -3.66 -16.57 -22.34
N LYS C 67 -3.24 -17.03 -23.52
CA LYS C 67 -2.57 -18.31 -23.65
C LYS C 67 -1.06 -18.18 -23.69
N SER C 68 -0.55 -16.95 -23.64
CA SER C 68 0.88 -16.69 -23.75
C SER C 68 1.15 -15.34 -23.11
N VAL C 69 2.41 -15.10 -22.78
CA VAL C 69 2.81 -13.80 -22.26
C VAL C 69 2.80 -12.74 -23.37
N THR C 70 3.11 -13.12 -24.60
CA THR C 70 3.17 -12.15 -25.70
C THR C 70 1.81 -11.52 -25.98
N GLU C 71 0.73 -12.32 -25.94
CA GLU C 71 -0.60 -11.74 -26.12
C GLU C 71 -0.87 -10.65 -25.10
N PHE C 72 -0.47 -10.88 -23.85
CA PHE C 72 -0.66 -9.89 -22.81
C PHE C 72 0.11 -8.62 -23.12
N LYS C 73 1.35 -8.76 -23.59
CA LYS C 73 2.12 -7.59 -23.99
C LYS C 73 1.51 -6.93 -25.22
N ALA C 74 0.84 -7.71 -26.06
CA ALA C 74 0.18 -7.15 -27.24
C ALA C 74 -1.00 -6.29 -26.83
N ASP C 75 -1.76 -6.73 -25.83
CA ASP C 75 -2.87 -5.93 -25.34
C ASP C 75 -2.40 -4.67 -24.63
N PHE C 76 -1.27 -4.75 -23.93
CA PHE C 76 -0.76 -3.58 -23.22
C PHE C 76 -0.20 -2.52 -24.18
N LYS C 77 0.54 -2.95 -25.21
CA LYS C 77 1.07 -1.98 -26.16
C LYS C 77 -0.04 -1.40 -27.04
N LEU C 78 -1.06 -2.22 -27.37
CA LEU C 78 -2.19 -1.68 -28.14
C LEU C 78 -2.91 -0.61 -27.35
N MET C 79 -3.09 -0.83 -26.04
CA MET C 79 -3.69 0.19 -25.19
C MET C 79 -2.86 1.47 -25.24
N CYS C 80 -1.54 1.33 -25.15
CA CYS C 80 -0.68 2.49 -25.18
C CYS C 80 -0.64 3.11 -26.56
N ASP C 81 -0.73 2.28 -27.60
CA ASP C 81 -0.75 2.80 -28.97
C ASP C 81 -2.02 3.59 -29.22
N ASN C 82 -3.17 3.07 -28.77
CA ASN C 82 -4.43 3.78 -28.94
C ASN C 82 -4.38 5.17 -28.31
N ALA C 83 -3.80 5.27 -27.12
CA ALA C 83 -3.80 6.55 -26.41
C ALA C 83 -2.92 7.59 -27.07
N MET C 84 -1.90 7.18 -27.83
CA MET C 84 -1.05 8.13 -28.52
C MET C 84 -1.41 8.39 -29.98
N THR C 85 -2.30 7.58 -30.58
CA THR C 85 -2.82 7.98 -31.88
C THR C 85 -3.97 8.97 -31.73
N TYR C 86 -4.93 8.67 -30.85
CA TYR C 86 -6.10 9.52 -30.73
C TYR C 86 -5.77 10.85 -30.06
N ASN C 87 -4.76 10.86 -29.20
CA ASN C 87 -4.40 12.08 -28.50
C ASN C 87 -3.23 12.73 -29.21
N ARG C 88 -3.15 14.03 -29.07
CA ARG C 88 -2.05 14.82 -29.61
C ARG C 88 -0.84 14.70 -28.69
N PRO C 89 0.38 14.88 -29.21
CA PRO C 89 1.57 14.79 -28.35
C PRO C 89 1.52 15.74 -27.17
N ASP C 90 0.67 16.79 -27.23
CA ASP C 90 0.58 17.81 -26.19
C ASP C 90 -0.49 17.48 -25.14
N THR C 91 -0.75 16.20 -24.90
CA THR C 91 -1.74 15.75 -23.93
C THR C 91 -1.06 14.98 -22.80
N VAL C 92 -1.65 15.07 -21.60
CA VAL C 92 -1.25 14.19 -20.51
C VAL C 92 -1.35 12.72 -20.94
N TYR C 93 -2.40 12.39 -21.70
CA TYR C 93 -2.63 11.00 -22.09
C TYR C 93 -1.56 10.48 -23.03
N TYR C 94 -1.03 11.35 -23.91
CA TYR C 94 0.01 10.92 -24.83
C TYR C 94 1.30 10.63 -24.08
N LYS C 95 1.71 11.56 -23.21
CA LYS C 95 2.96 11.40 -22.45
C LYS C 95 2.90 10.19 -21.54
N LEU C 96 1.79 10.00 -20.82
CA LEU C 96 1.69 8.87 -19.91
C LEU C 96 1.75 7.55 -20.66
N ALA C 97 1.03 7.45 -21.78
CA ALA C 97 1.06 6.21 -22.55
C ALA C 97 2.44 5.96 -23.15
N LYS C 98 3.18 7.02 -23.45
CA LYS C 98 4.51 6.85 -24.02
C LYS C 98 5.48 6.27 -23.00
N LYS C 99 5.45 6.80 -21.77
CA LYS C 99 6.42 6.36 -20.77
C LYS C 99 6.06 4.99 -20.21
N ILE C 100 4.78 4.72 -19.95
CA ILE C 100 4.43 3.44 -19.36
C ILE C 100 4.67 2.32 -20.37
N LEU C 101 4.51 2.59 -21.67
CA LEU C 101 4.90 1.62 -22.67
C LEU C 101 6.40 1.37 -22.62
N HIS C 102 7.18 2.46 -22.67
CA HIS C 102 8.64 2.39 -22.65
C HIS C 102 9.20 2.02 -21.28
N ALA C 103 8.36 1.96 -20.25
CA ALA C 103 8.80 1.51 -18.94
C ALA C 103 8.28 0.13 -18.56
N GLY C 104 7.07 -0.22 -18.98
CA GLY C 104 6.52 -1.51 -18.62
C GLY C 104 7.02 -2.66 -19.48
N PHE C 105 7.42 -2.37 -20.73
CA PHE C 105 8.00 -3.42 -21.57
C PHE C 105 9.40 -3.77 -21.12
N LYS C 106 10.15 -2.76 -20.71
CA LYS C 106 11.47 -2.95 -20.13
C LYS C 106 11.39 -3.67 -18.79
N MET C 107 10.33 -3.41 -18.01
CA MET C 107 10.18 -4.05 -16.71
C MET C 107 9.95 -5.57 -16.82
N MET C 108 9.04 -6.00 -17.69
CA MET C 108 8.75 -7.43 -17.79
C MET C 108 9.82 -8.19 -18.56
N SER C 109 10.60 -7.51 -19.41
CA SER C 109 11.67 -8.22 -20.09
C SER C 109 12.88 -8.35 -19.19
N LYS C 110 13.19 -7.30 -18.41
CA LYS C 110 14.40 -7.34 -17.59
C LYS C 110 14.31 -8.44 -16.53
N GLN C 111 13.08 -8.78 -16.08
CA GLN C 111 12.86 -9.86 -15.10
C GLN C 111 12.89 -11.24 -15.75
N ALA C 112 12.41 -11.35 -16.99
CA ALA C 112 12.55 -12.61 -17.71
C ALA C 112 14.00 -12.84 -18.05
N ALA C 113 14.79 -11.77 -18.11
CA ALA C 113 16.22 -11.90 -18.37
C ALA C 113 16.93 -12.54 -17.18
N LEU C 114 16.45 -12.27 -15.96
CA LEU C 114 17.03 -12.92 -14.79
C LEU C 114 16.71 -14.42 -14.78
N LEU C 115 15.43 -14.75 -14.88
CA LEU C 115 15.00 -16.15 -14.93
C LEU C 115 15.20 -16.74 -16.32
N GLU D 8 12.50 3.13 -5.83
CA GLU D 8 13.06 2.57 -7.05
C GLU D 8 13.74 1.23 -6.77
N SER D 9 12.94 0.19 -6.58
CA SER D 9 13.50 -1.12 -6.29
C SER D 9 14.14 -1.70 -7.56
N THR D 10 14.70 -2.89 -7.44
CA THR D 10 15.40 -3.49 -8.56
C THR D 10 14.60 -4.69 -9.07
N PRO D 11 14.76 -5.06 -10.35
CA PRO D 11 13.97 -6.18 -10.90
C PRO D 11 14.10 -7.48 -10.12
N ILE D 12 15.26 -7.77 -9.52
CA ILE D 12 15.38 -9.01 -8.78
C ILE D 12 14.55 -8.96 -7.50
N GLN D 13 14.37 -7.77 -6.92
CA GLN D 13 13.46 -7.64 -5.79
C GLN D 13 12.01 -7.91 -6.19
N GLN D 14 11.58 -7.35 -7.32
CA GLN D 14 10.17 -7.48 -7.70
C GLN D 14 9.79 -8.92 -8.04
N LEU D 15 10.71 -9.71 -8.61
CA LEU D 15 10.35 -11.06 -9.00
C LEU D 15 10.32 -12.00 -7.79
N LEU D 16 11.30 -11.86 -6.89
CA LEU D 16 11.33 -12.72 -5.72
C LEU D 16 10.28 -12.28 -4.69
N GLU D 17 9.97 -10.98 -4.65
CA GLU D 17 8.83 -10.55 -3.85
C GLU D 17 7.54 -11.14 -4.39
N HIS D 18 7.44 -11.30 -5.70
CA HIS D 18 6.28 -11.97 -6.28
C HIS D 18 6.25 -13.44 -5.88
N PHE D 19 7.40 -14.12 -5.95
CA PHE D 19 7.44 -15.52 -5.57
C PHE D 19 7.19 -15.70 -4.09
N LEU D 20 7.76 -14.83 -3.26
CA LEU D 20 7.62 -14.96 -1.81
C LEU D 20 6.17 -14.81 -1.39
N ARG D 21 5.43 -13.90 -2.03
CA ARG D 21 4.01 -13.76 -1.70
C ARG D 21 3.20 -14.99 -2.12
N GLN D 22 3.59 -15.67 -3.20
CA GLN D 22 2.86 -16.88 -3.58
C GLN D 22 3.19 -18.03 -2.64
N LEU D 23 4.43 -18.12 -2.16
CA LEU D 23 4.77 -19.22 -1.26
C LEU D 23 4.15 -18.99 0.11
N GLN D 24 4.15 -17.74 0.58
CA GLN D 24 3.55 -17.43 1.88
C GLN D 24 2.05 -17.67 1.86
N ARG D 25 1.41 -17.49 0.70
CA ARG D 25 -0.05 -17.62 0.62
C ARG D 25 -0.52 -19.03 0.93
N LYS D 26 0.33 -20.03 0.68
CA LYS D 26 0.01 -21.42 0.95
C LYS D 26 0.28 -21.82 2.39
N ASP D 27 0.46 -20.84 3.28
CA ASP D 27 0.64 -21.08 4.72
C ASP D 27 -0.21 -20.05 5.45
N PRO D 28 -1.53 -20.29 5.52
CA PRO D 28 -2.44 -19.26 6.08
C PRO D 28 -2.21 -18.92 7.55
N HIS D 29 -1.49 -19.79 8.26
CA HIS D 29 -1.13 -19.76 9.68
C HIS D 29 0.23 -19.15 9.97
N GLY D 30 1.02 -18.85 8.94
CA GLY D 30 2.28 -18.17 9.16
C GLY D 30 3.26 -18.96 9.98
N PHE D 31 3.25 -20.29 9.84
CA PHE D 31 4.20 -21.12 10.58
C PHE D 31 5.62 -20.85 10.14
N PHE D 32 5.81 -20.29 8.95
CA PHE D 32 7.14 -19.97 8.45
C PHE D 32 7.33 -18.47 8.29
N ALA D 33 6.48 -17.67 8.94
CA ALA D 33 6.59 -16.22 8.84
C ALA D 33 7.81 -15.71 9.59
N PHE D 34 8.13 -16.30 10.74
CA PHE D 34 9.15 -15.80 11.64
C PHE D 34 10.08 -16.92 12.08
N PRO D 35 11.29 -16.57 12.52
CA PRO D 35 12.24 -17.61 12.94
C PRO D 35 11.70 -18.48 14.06
N VAL D 36 12.01 -19.77 13.98
CA VAL D 36 11.58 -20.73 14.99
C VAL D 36 12.41 -20.53 16.26
N THR D 37 11.74 -20.45 17.40
CA THR D 37 12.38 -20.34 18.70
C THR D 37 12.10 -21.57 19.54
N ASP D 38 12.98 -21.81 20.51
CA ASP D 38 12.80 -22.93 21.44
C ASP D 38 11.56 -22.78 22.31
N ALA D 39 11.00 -21.57 22.40
CA ALA D 39 9.81 -21.37 23.21
C ALA D 39 8.63 -22.18 22.66
N ILE D 40 8.56 -22.34 21.35
CA ILE D 40 7.44 -23.06 20.73
C ILE D 40 7.90 -24.43 20.25
N ALA D 41 9.19 -24.57 19.96
CA ALA D 41 9.77 -25.81 19.45
C ALA D 41 10.98 -26.18 20.30
N PRO D 42 10.77 -26.97 21.36
CA PRO D 42 11.88 -27.28 22.28
C PRO D 42 13.02 -28.02 21.60
N GLY D 43 14.24 -27.54 21.84
CA GLY D 43 15.43 -28.17 21.32
C GLY D 43 15.85 -27.73 19.93
N TYR D 44 15.04 -26.91 19.26
CA TYR D 44 15.30 -26.53 17.88
C TYR D 44 16.68 -25.89 17.73
N SER D 45 17.05 -24.98 18.64
CA SER D 45 18.36 -24.36 18.59
C SER D 45 19.50 -25.37 18.44
N MET D 46 19.33 -26.57 19.01
CA MET D 46 20.40 -27.56 19.02
C MET D 46 20.30 -28.59 17.91
N ILE D 47 19.11 -28.80 17.34
CA ILE D 47 18.96 -29.83 16.31
C ILE D 47 19.14 -29.27 14.89
N ILE D 48 18.78 -28.02 14.63
CA ILE D 48 18.81 -27.46 13.29
C ILE D 48 19.86 -26.36 13.26
N LYS D 49 20.93 -26.59 12.49
CA LYS D 49 22.07 -25.67 12.48
C LYS D 49 21.79 -24.40 11.69
N HIS D 50 20.91 -24.46 10.69
CA HIS D 50 20.58 -23.30 9.86
C HIS D 50 19.08 -23.09 9.75
N PRO D 51 18.48 -22.34 10.67
CA PRO D 51 17.05 -22.03 10.57
C PRO D 51 16.79 -21.04 9.46
N MET D 52 15.54 -21.01 9.00
CA MET D 52 15.14 -20.08 7.94
C MET D 52 13.63 -19.93 7.98
N ASP D 53 13.16 -18.74 7.57
CA ASP D 53 11.74 -18.42 7.62
C ASP D 53 11.44 -17.41 6.52
N PHE D 54 10.14 -17.26 6.24
CA PHE D 54 9.71 -16.33 5.20
C PHE D 54 10.12 -14.90 5.51
N GLY D 55 10.08 -14.52 6.80
CA GLY D 55 10.40 -13.16 7.17
C GLY D 55 11.85 -12.78 6.92
N THR D 56 12.77 -13.71 7.18
CA THR D 56 14.18 -13.43 6.90
C THR D 56 14.44 -13.24 5.41
N MET D 57 13.82 -14.07 4.57
CA MET D 57 14.00 -13.85 3.13
C MET D 57 13.41 -12.53 2.69
N LYS D 58 12.29 -12.11 3.30
CA LYS D 58 11.75 -10.80 2.99
C LYS D 58 12.77 -9.72 3.33
N ASP D 59 13.45 -9.86 4.47
CA ASP D 59 14.49 -8.91 4.83
C ASP D 59 15.67 -9.00 3.88
N LYS D 60 16.02 -10.22 3.43
CA LYS D 60 17.11 -10.39 2.49
C LYS D 60 16.73 -9.88 1.10
N ILE D 61 15.47 -10.01 0.71
CA ILE D 61 15.00 -9.42 -0.54
C ILE D 61 15.12 -7.91 -0.50
N VAL D 62 14.61 -7.29 0.57
CA VAL D 62 14.64 -5.84 0.70
C VAL D 62 16.08 -5.33 0.72
N ALA D 63 16.99 -6.10 1.30
CA ALA D 63 18.39 -5.69 1.41
C ALA D 63 19.20 -6.01 0.16
N ASN D 64 18.54 -6.35 -0.94
CA ASN D 64 19.18 -6.78 -2.18
C ASN D 64 20.35 -7.73 -1.88
N GLU D 65 20.03 -8.79 -1.13
CA GLU D 65 21.01 -9.79 -0.76
C GLU D 65 20.94 -11.03 -1.64
N TYR D 66 19.84 -11.22 -2.36
CA TYR D 66 19.75 -12.29 -3.34
C TYR D 66 20.32 -11.83 -4.66
N LYS D 67 21.33 -12.56 -5.15
CA LYS D 67 21.92 -12.32 -6.45
C LYS D 67 21.39 -13.28 -7.49
N SER D 68 20.49 -14.19 -7.09
CA SER D 68 20.01 -15.25 -7.96
C SER D 68 18.67 -15.74 -7.47
N VAL D 69 17.95 -16.41 -8.37
CA VAL D 69 16.75 -17.15 -7.97
C VAL D 69 17.15 -18.43 -7.26
N THR D 70 18.28 -19.04 -7.64
CA THR D 70 18.73 -20.27 -7.01
C THR D 70 19.06 -20.04 -5.54
N GLU D 71 19.72 -18.92 -5.22
CA GLU D 71 19.95 -18.59 -3.81
C GLU D 71 18.61 -18.52 -3.09
N PHE D 72 17.62 -17.90 -3.71
CA PHE D 72 16.28 -17.82 -3.14
C PHE D 72 15.65 -19.20 -3.02
N LYS D 73 15.80 -20.03 -4.06
CA LYS D 73 15.24 -21.37 -4.03
C LYS D 73 15.94 -22.26 -3.00
N ALA D 74 17.23 -22.00 -2.75
CA ALA D 74 17.94 -22.78 -1.75
C ALA D 74 17.46 -22.44 -0.34
N ASP D 75 17.17 -21.17 -0.08
CA ASP D 75 16.68 -20.78 1.24
C ASP D 75 15.30 -21.37 1.50
N PHE D 76 14.46 -21.46 0.47
CA PHE D 76 13.13 -22.03 0.64
C PHE D 76 13.22 -23.53 0.88
N LYS D 77 14.13 -24.21 0.17
CA LYS D 77 14.35 -25.62 0.41
C LYS D 77 14.98 -25.86 1.77
N LEU D 78 15.87 -24.95 2.19
CA LEU D 78 16.47 -25.07 3.52
C LEU D 78 15.43 -24.96 4.61
N MET D 79 14.48 -24.03 4.46
CA MET D 79 13.39 -23.91 5.43
C MET D 79 12.53 -25.17 5.48
N CYS D 80 12.19 -25.71 4.31
CA CYS D 80 11.30 -26.87 4.29
C CYS D 80 12.00 -28.13 4.79
N ASP D 81 13.30 -28.28 4.52
CA ASP D 81 14.02 -29.44 5.00
C ASP D 81 14.15 -29.41 6.52
N ASN D 82 14.39 -28.23 7.09
CA ASN D 82 14.43 -28.08 8.55
C ASN D 82 13.13 -28.56 9.19
N ALA D 83 11.99 -28.20 8.61
CA ALA D 83 10.70 -28.54 9.21
C ALA D 83 10.42 -30.03 9.14
N MET D 84 11.03 -30.74 8.19
CA MET D 84 10.89 -32.19 8.08
C MET D 84 12.00 -32.93 8.80
N THR D 85 13.05 -32.23 9.25
CA THR D 85 14.02 -32.82 10.16
C THR D 85 13.53 -32.74 11.60
N TYR D 86 13.10 -31.55 12.04
CA TYR D 86 12.76 -31.36 13.45
C TYR D 86 11.42 -32.01 13.81
N ASN D 87 10.49 -32.10 12.87
CA ASN D 87 9.16 -32.60 13.17
C ASN D 87 9.02 -34.06 12.79
N ARG D 88 8.11 -34.75 13.49
CA ARG D 88 7.82 -36.12 13.13
C ARG D 88 6.90 -36.15 11.92
N PRO D 89 6.98 -37.19 11.09
CA PRO D 89 6.16 -37.23 9.88
C PRO D 89 4.66 -37.14 10.11
N ASP D 90 4.18 -37.45 11.31
CA ASP D 90 2.74 -37.44 11.59
C ASP D 90 2.26 -36.14 12.22
N THR D 91 2.93 -35.02 11.95
CA THR D 91 2.57 -33.73 12.51
C THR D 91 2.17 -32.76 11.40
N VAL D 92 1.32 -31.79 11.75
CA VAL D 92 0.93 -30.73 10.83
C VAL D 92 2.15 -30.01 10.26
N TYR D 93 3.19 -29.79 11.07
CA TYR D 93 4.34 -29.05 10.56
C TYR D 93 5.10 -29.84 9.50
N TYR D 94 5.15 -31.16 9.64
CA TYR D 94 5.79 -31.98 8.61
C TYR D 94 4.94 -32.00 7.35
N LYS D 95 3.63 -32.21 7.49
CA LYS D 95 2.74 -32.26 6.34
C LYS D 95 2.77 -30.96 5.55
N LEU D 96 2.74 -29.82 6.24
CA LEU D 96 2.76 -28.54 5.56
C LEU D 96 4.05 -28.37 4.75
N ALA D 97 5.19 -28.72 5.35
CA ALA D 97 6.47 -28.57 4.65
C ALA D 97 6.57 -29.48 3.43
N LYS D 98 5.89 -30.63 3.47
CA LYS D 98 5.97 -31.57 2.35
C LYS D 98 5.29 -31.00 1.11
N LYS D 99 4.00 -30.68 1.20
CA LYS D 99 3.29 -30.12 0.06
C LYS D 99 3.91 -28.80 -0.38
N ILE D 100 4.25 -27.94 0.58
CA ILE D 100 4.79 -26.62 0.26
C ILE D 100 6.12 -26.74 -0.48
N LEU D 101 6.90 -27.77 -0.18
CA LEU D 101 8.18 -27.97 -0.87
C LEU D 101 7.98 -28.19 -2.36
N HIS D 102 7.35 -29.30 -2.73
CA HIS D 102 7.26 -29.68 -4.15
C HIS D 102 6.26 -28.81 -4.91
N ALA D 103 5.12 -28.47 -4.30
CA ALA D 103 4.16 -27.62 -4.98
C ALA D 103 4.72 -26.22 -5.21
N GLY D 104 5.55 -25.73 -4.30
CA GLY D 104 6.12 -24.40 -4.43
C GLY D 104 7.31 -24.31 -5.37
N PHE D 105 8.00 -25.42 -5.60
CA PHE D 105 9.16 -25.44 -6.49
C PHE D 105 8.78 -25.34 -7.96
N LYS D 106 8.18 -26.41 -8.51
CA LYS D 106 7.87 -26.41 -9.94
C LYS D 106 6.92 -25.28 -10.32
N MET D 107 6.06 -24.87 -9.39
CA MET D 107 5.12 -23.78 -9.67
C MET D 107 5.90 -22.51 -10.03
N MET D 108 6.95 -22.21 -9.28
CA MET D 108 7.75 -21.02 -9.56
C MET D 108 8.69 -21.23 -10.74
N SER D 109 9.02 -22.47 -11.08
CA SER D 109 9.82 -22.75 -12.26
C SER D 109 8.95 -22.82 -13.52
N LYS D 110 7.72 -23.33 -13.40
CA LYS D 110 6.84 -23.40 -14.56
C LYS D 110 6.47 -22.00 -15.04
N GLN D 111 6.53 -21.02 -14.14
CA GLN D 111 6.33 -19.62 -14.54
C GLN D 111 7.58 -19.07 -15.23
N ALA D 112 8.76 -19.56 -14.84
CA ALA D 112 9.98 -19.14 -15.52
C ALA D 112 10.05 -19.69 -16.94
N ALA D 113 9.37 -20.80 -17.21
CA ALA D 113 9.34 -21.34 -18.56
C ALA D 113 8.55 -20.42 -19.48
N LEU D 114 7.52 -19.76 -18.96
CA LEU D 114 6.77 -18.76 -19.71
C LEU D 114 7.67 -17.54 -19.90
N LEU D 115 8.61 -17.68 -20.83
CA LEU D 115 9.55 -16.62 -21.17
C LEU D 115 10.40 -17.05 -22.36
N GLY D 116 10.13 -16.51 -23.54
CA GLY D 116 10.87 -16.85 -24.73
C GLY D 116 11.01 -15.69 -25.70
C1 7P7 E . -19.19 19.41 -13.49
C2 7P7 E . -19.00 18.11 -14.14
C3 7P7 E . -20.73 19.58 -15.25
C4 7P7 E . -21.79 20.02 -16.19
C5 7P7 E . -23.86 21.40 -16.29
C6 7P7 E . -25.13 21.11 -15.49
S 7P7 E . -20.03 17.98 -15.47
O1 7P7 E . -25.59 23.83 -14.35
O2 7P7 E . -27.01 24.39 -16.13
N1 7P7 E . -21.73 19.82 -17.43
C7 7P7 E . -26.34 21.97 -15.90
C8 7P7 E . -24.60 23.81 -16.69
N2 7P7 E . -16.29 9.75 -17.65
N 7P7 E . -22.81 20.66 -15.63
C 7P7 E . -18.34 19.67 -12.30
O 7P7 E . -18.44 20.75 -11.69
C10 7P7 E . -20.19 20.24 -14.13
C11 7P7 E . -18.01 17.14 -13.61
C12 7P7 E . -17.78 15.81 -14.24
C13 7P7 E . -18.86 15.01 -14.58
C14 7P7 E . -18.63 13.77 -15.17
C15 7P7 E . -20.54 12.58 -14.43
C16 7P7 E . -17.24 13.31 -15.41
C17 7P7 E . -17.42 11.87 -17.34
C18 7P7 E . -17.46 10.39 -17.64
C19 7P7 E . -16.23 8.34 -18.00
C20 7P7 E . -15.35 7.55 -17.05
C21 7P7 E . -16.00 6.22 -16.67
C22 7P7 E . -17.32 6.47 -15.96
C23 7P7 E . -17.78 5.22 -15.21
C24 7P7 E . -16.67 4.73 -14.28
C25 7P7 E . -15.46 2.66 -14.00
C26 7P7 E . -14.22 3.31 -13.92
C27 7P7 E . -13.06 2.63 -13.54
C28 7P7 E . -13.04 1.26 -13.21
C29 7P7 E . -14.24 0.56 -13.26
C30 7P7 E . -14.66 -0.84 -13.00
C31 7P7 E . -16.74 -2.34 -13.03
C32 7P7 E . -16.36 -2.98 -11.72
C33 7P7 E . -16.52 -5.16 -12.63
C34 7P7 E . -17.14 -4.61 -13.89
C35 7P7 E . -16.46 -3.28 -14.19
C36 7P7 E . -15.50 1.22 -13.66
C37 7P7 E . -16.48 0.12 -13.57
C38 7P7 E . -16.20 14.15 -15.04
C39 7P7 E . -16.47 15.38 -14.46
C40 7P7 E . -17.28 17.50 -12.48
C41 7P7 E . -16.61 18.98 -10.68
C9 7P7 E . -23.48 22.88 -16.23
N3 7P7 E . -15.97 -1.07 -13.20
N4 7P7 E . -16.31 -4.31 -11.62
N5 7P7 E . -17.42 18.68 -11.87
O10 7P7 E . -18.52 9.84 -17.85
O3 7P7 E . -19.70 13.00 -15.50
O4 7P7 E . -17.01 12.09 -15.98
O5 7P7 E . -16.60 3.31 -14.38
O6 7P7 E . -16.23 -6.34 -12.56
O7 7P7 E . -16.11 -2.26 -10.77
O8 7P7 E . -13.83 -1.75 -12.63
O9 7P7 E . -17.72 0.27 -13.85
S1 7P7 E . -25.92 23.55 -15.72
C1 7P7 F . 8.90 -10.15 22.00
C2 7P7 F . 8.37 -11.09 21.01
C3 7P7 F . 10.18 -12.06 22.49
C4 7P7 F . 11.14 -13.06 23.00
C5 7P7 F . 13.50 -13.20 23.74
C6 7P7 F . 14.81 -12.77 23.09
S 7P7 F . 9.16 -12.57 21.16
O1 7P7 F . 16.06 -11.12 25.37
O2 7P7 F . 16.99 -13.08 26.24
N1 7P7 F . 10.76 -14.13 23.55
C7 7P7 F . 16.02 -13.20 23.91
C8 7P7 F . 14.45 -12.95 26.08
N2 7P7 F . 2.42 -14.61 13.67
N 7P7 F . 12.44 -12.79 22.84
C 7P7 F . 8.30 -8.79 21.99
O 7P7 F . 8.68 -7.93 22.81
C10 7P7 F . 9.94 -10.71 22.84
C11 7P7 F . 7.29 -10.67 20.05
C12 7P7 F . 6.71 -11.59 19.02
C13 7P7 F . 7.51 -12.54 18.40
C14 7P7 F . 6.97 -13.40 17.44
C15 7P7 F . 9.00 -13.95 16.23
C16 7P7 F . 5.54 -13.28 17.09
C17 7P7 F . 3.81 -13.74 15.44
C18 7P7 F . 3.50 -14.79 14.42
C19 7P7 F . 1.61 -13.40 13.76
C20 7P7 F . 1.47 -12.69 12.43
C21 7P7 F . 0.65 -13.52 11.43
C22 7P7 F . 1.53 -14.45 10.60
C23 7P7 F . 0.95 -14.71 9.21
C24 7P7 F . -0.42 -15.37 9.24
C25 7P7 F . -1.46 -13.31 8.46
C26 7P7 F . -1.12 -12.05 8.96
C27 7P7 F . -1.09 -10.91 8.16
C28 7P7 F . -1.40 -10.93 6.80
C29 7P7 F . -1.74 -12.15 6.23
C30 7P7 F . -2.13 -12.59 4.86
C31 7P7 F . -2.81 -14.70 3.56
C32 7P7 F . -1.64 -14.94 2.65
C33 7P7 F . -3.04 -15.09 0.77
C34 7P7 F . -4.29 -14.80 1.57
C35 7P7 F . -3.92 -13.99 2.80
C36 7P7 F . -1.80 -13.39 7.02
C37 7P7 F . -2.21 -14.39 5.99
C38 7P7 F . 4.77 -12.32 17.74
C39 7P7 F . 5.36 -11.48 18.69
C40 7P7 F . 6.81 -9.36 20.16
C41 7P7 F . 6.71 -7.12 21.08
C9 7P7 F . 13.35 -12.54 25.10
N3 7P7 F . -2.40 -13.91 4.76
N4 7P7 F . -1.86 -14.85 1.33
N5 7P7 F . 7.28 -8.48 21.06
O10 7P7 F . 4.22 -15.77 14.30
O3 7P7 F . 7.77 -14.33 16.83
O4 7P7 F . 4.99 -14.11 16.16
O5 7P7 F . -1.48 -14.41 9.28
O6 7P7 F . -3.15 -15.54 -0.36
O7 7P7 F . -0.55 -15.21 3.12
O8 7P7 F . -2.19 -11.75 3.89
O9 7P7 F . -2.37 -15.64 6.28
S1 7P7 F . 15.93 -12.54 25.43
C1 7P7 G . -8.30 9.88 -23.04
C2 7P7 G . -9.18 10.11 -21.87
C3 7P7 G . -9.26 11.93 -23.63
C4 7P7 G . -9.68 13.20 -24.27
C5 7P7 G . -8.09 14.38 -25.70
C6 7P7 G . -6.97 15.39 -25.46
S 7P7 G . -9.99 11.57 -22.09
O1 7P7 G . -5.74 15.47 -28.21
O2 7P7 G . -7.21 17.18 -28.85
N1 7P7 G . -10.88 13.34 -24.64
C7 7P7 G . -7.07 16.61 -26.37
C8 7P7 G . -8.22 14.95 -28.16
N2 7P7 G . -15.31 10.16 -13.92
N 7P7 G . -8.83 14.20 -24.46
C 7P7 G . -7.51 8.61 -22.99
O 7P7 G . -6.74 8.33 -23.94
C10 7P7 G . -8.35 10.93 -24.03
C11 7P7 G . -9.25 9.14 -20.75
C12 7P7 G . -10.11 9.27 -19.53
C13 7P7 G . -10.30 10.48 -18.85
C14 7P7 G . -11.10 10.55 -17.71
C15 7P7 G . -10.98 12.97 -17.76
C16 7P7 G . -11.76 9.31 -17.20
C17 7P7 G . -13.48 10.18 -15.56
C18 7P7 G . -14.23 9.53 -14.41
C19 7P7 G . -16.39 9.44 -13.24
C20 7P7 G . -17.74 10.13 -13.39
C21 7P7 G . -18.93 9.26 -13.01
C22 7P7 G . -19.53 8.52 -14.21
C23 7P7 G . -20.80 9.15 -14.76
C24 7P7 G . -21.29 8.47 -16.03
C25 7P7 G . -22.68 9.80 -17.55
C26 7P7 G . -23.54 10.38 -16.63
C27 7P7 G . -24.81 10.86 -16.97
C28 7P7 G . -25.34 10.80 -18.24
C29 7P7 G . -24.54 10.23 -19.22
C30 7P7 G . -24.74 9.98 -20.66
C31 7P7 G . -23.57 8.98 -22.72
C32 7P7 G . -23.16 10.10 -23.63
C33 7P7 G . -25.31 10.78 -23.96
C34 7P7 G . -25.59 9.31 -24.23
C35 7P7 G . -24.88 8.40 -23.22
C36 7P7 G . -23.19 9.70 -18.94
C37 7P7 G . -22.78 9.21 -20.29
C38 7P7 G . -11.52 8.13 -17.90
C39 7P7 G . -10.71 8.12 -19.04
C40 7P7 G . -8.45 7.99 -20.85
C41 7P7 G . -6.83 6.51 -21.88
C9 7P7 G . -9.00 14.80 -26.85
N3 7P7 G . -23.71 9.39 -21.28
N4 7P7 G . -24.03 11.09 -23.78
N5 7P7 G . -7.63 7.74 -21.88
O10 7P7 G . -13.85 8.47 -13.95
O3 7P7 G . -11.28 11.75 -17.08
O4 7P7 G . -12.55 9.21 -16.08
O5 7P7 G . -21.44 9.36 -17.14
O6 7P7 G . -26.21 11.60 -23.91
O7 7P7 G . -22.09 10.06 -24.22
O8 7P7 G . -25.85 10.34 -21.20
O9 7P7 G . -21.65 8.67 -20.50
S1 7P7 G . -7.01 16.07 -27.95
C1 7P7 H . 7.47 -26.02 14.31
C2 7P7 H . 6.68 -24.97 14.96
C3 7P7 H . 6.66 -27.16 16.18
C4 7P7 H . 6.28 -28.09 17.28
C5 7P7 H . 5.94 -30.30 18.19
C6 7P7 H . 4.86 -31.26 17.71
S 7P7 H . 6.00 -25.57 16.37
O1 7P7 H . 6.44 -33.06 15.82
O2 7P7 H . 7.06 -34.40 17.65
N1 7P7 H . 5.90 -27.62 18.39
C7 7P7 H . 5.19 -32.72 17.99
C8 7P7 H . 7.76 -31.96 17.68
N2 7P7 H . 1.28 -18.22 18.90
N 7P7 H . 6.33 -29.41 17.11
C 7P7 H . 8.15 -25.61 13.04
O 7P7 H . 8.84 -26.44 12.41
C10 7P7 H . 7.46 -27.28 15.03
C11 7P7 H . 6.58 -23.61 14.37
C12 7P7 H . 5.79 -22.51 15.02
C13 7P7 H . 4.54 -22.76 15.59
C14 7P7 H . 3.82 -21.73 16.19
C15 7P7 H . 1.87 -23.16 16.45
C16 7P7 H . 4.41 -20.37 16.19
C17 7P7 H . 3.24 -19.35 18.07
C18 7P7 H . 2.46 -18.08 18.31
C19 7P7 H . 1.10 -17.89 20.29
C20 7P7 H . -0.35 -18.05 20.74
C21 7P7 H . -0.41 -18.32 22.24
C22 7P7 H . -1.80 -17.98 22.77
C23 7P7 H . -1.69 -17.38 24.16
C24 7P7 H . -2.77 -16.34 24.34
C25 7P7 H . -3.59 -15.32 26.37
C26 7P7 H . -4.55 -14.38 25.98
C27 7P7 H . -5.63 -14.05 26.81
C28 7P7 H . -5.83 -14.63 28.06
C29 7P7 H . -4.92 -15.57 28.51
C30 7P7 H . -4.76 -16.40 29.73
C31 7P7 H . -3.27 -18.13 30.83
C32 7P7 H . -1.81 -17.98 31.16
C33 7P7 H . -1.58 -20.28 31.65
C34 7P7 H . -3.07 -20.48 31.50
C35 7P7 H . -3.57 -19.56 30.41
C36 7P7 H . -3.76 -15.96 27.70
C37 7P7 H . -3.08 -16.97 28.56
C38 7P7 H . 5.65 -20.17 15.60
C39 7P7 H . 6.32 -21.22 15.01
C40 7P7 H . 7.26 -23.36 13.18
C41 7P7 H . 8.67 -23.93 11.31
C9 7P7 H . 7.17 -31.04 18.73
N3 7P7 H . -3.68 -17.20 29.74
N4 7P7 H . -1.08 -19.07 31.39
N5 7P7 H . 8.00 -24.29 12.55
O10 7P7 H . 2.92 -17.00 17.98
O3 7P7 H . 2.61 -21.99 16.76
O4 7P7 H . 3.76 -19.30 16.74
O5 7P7 H . -2.54 -15.65 25.57
O6 7P7 H . -0.89 -21.22 32.01
O7 7P7 H . -1.33 -16.86 31.21
O8 7P7 H . -5.59 -16.35 30.72
O9 7P7 H . -2.00 -17.56 28.19
S1 7P7 H . 6.62 -33.09 17.24
#